data_7Q38
#
_entry.id   7Q38
#
_cell.length_a   115.657
_cell.length_b   119.245
_cell.length_c   36.393
_cell.angle_alpha   90.00
_cell.angle_beta   90.00
_cell.angle_gamma   90.00
#
_symmetry.space_group_name_H-M   'C 2 2 2'
#
loop_
_entity.id
_entity.type
_entity.pdbx_description
1 polymer Bacteriorhodopsin
2 non-polymer RETINAL
3 non-polymer EICOSANE
4 non-polymer '(2R)-2,3-dihydroxypropyl (9Z)-octadec-9-enoate'
5 non-polymer 'OLEIC ACID'
6 non-polymer HEXANE
7 non-polymer 'SULFATE ION'
8 non-polymer ARGON
9 water water
#
_entity_poly.entity_id   1
_entity_poly.type   'polypeptide(L)'
_entity_poly.pdbx_seq_one_letter_code
;MQAQITGRPEWIWLALGAALMGLGALYFLVKGMGVSDPDAKKFYAITALVPAIAFTMYLSMLLGYGLTMVPFGGEQNPIY
WARYADWLFTTPLLLLDLALLVDADQGTILALVGADGIMIGTGLVGALTKVYSYRFVWWAISTAAMLYILYVLFFGFTSK
AESMRPEVASTFKVLRNVTVVLWSAYPVVWLIGSEGAGIVPLNIETLLFMVLDVSAKVGFGLILLRSRAIFGEAEAPEPS
AGDGAAATSDGSGIEGRSGAPHHHHHHHH
;
_entity_poly.pdbx_strand_id   A
#
loop_
_chem_comp.id
_chem_comp.type
_chem_comp.name
_chem_comp.formula
AR non-polymer ARGON Ar
HEX non-polymer HEXANE 'C6 H14'
LFA non-polymer EICOSANE 'C20 H42'
OLA non-polymer 'OLEIC ACID' 'C18 H34 O2'
OLC non-polymer '(2R)-2,3-dihydroxypropyl (9Z)-octadec-9-enoate' 'C21 H40 O4'
RET non-polymer RETINAL 'C20 H28 O'
SO4 non-polymer 'SULFATE ION' 'O4 S -2'
#
# COMPACT_ATOMS: atom_id res chain seq x y z
N ILE A 5 -15.79 15.81 13.97
CA ILE A 5 -14.89 14.73 13.44
C ILE A 5 -15.70 13.43 13.28
N THR A 6 -16.35 12.95 14.35
CA THR A 6 -17.06 11.64 14.40
CA THR A 6 -17.07 11.65 14.40
C THR A 6 -18.27 11.67 13.45
N GLY A 7 -18.76 12.87 13.11
CA GLY A 7 -19.90 13.10 12.21
C GLY A 7 -19.53 13.07 10.73
N ARG A 8 -18.28 13.42 10.36
CA ARG A 8 -17.76 13.34 8.96
C ARG A 8 -18.09 11.95 8.40
N PRO A 9 -18.70 11.85 7.21
CA PRO A 9 -19.18 10.56 6.69
C PRO A 9 -18.06 9.52 6.48
N GLU A 10 -16.82 9.96 6.24
CA GLU A 10 -15.67 9.05 5.98
C GLU A 10 -15.20 8.44 7.30
N TRP A 11 -15.58 9.00 8.45
CA TRP A 11 -15.09 8.52 9.76
CA TRP A 11 -15.10 8.52 9.78
C TRP A 11 -15.39 7.02 9.94
N ILE A 12 -16.55 6.55 9.49
CA ILE A 12 -16.93 5.13 9.68
CA ILE A 12 -16.93 5.12 9.66
C ILE A 12 -15.85 4.23 9.04
N TRP A 13 -15.35 4.57 7.83
CA TRP A 13 -14.38 3.72 7.09
C TRP A 13 -12.98 3.90 7.69
N LEU A 14 -12.64 5.07 8.23
CA LEU A 14 -11.37 5.24 8.94
C LEU A 14 -11.35 4.34 10.20
N ALA A 15 -12.45 4.29 10.94
CA ALA A 15 -12.58 3.47 12.16
C ALA A 15 -12.46 1.98 11.77
N LEU A 16 -13.19 1.55 10.76
CA LEU A 16 -13.11 0.15 10.34
C LEU A 16 -11.71 -0.19 9.84
N GLY A 17 -11.12 0.69 9.02
CA GLY A 17 -9.74 0.48 8.55
C GLY A 17 -8.79 0.31 9.71
N ALA A 18 -8.86 1.18 10.70
CA ALA A 18 -8.02 1.03 11.90
C ALA A 18 -8.23 -0.34 12.55
N ALA A 19 -9.48 -0.76 12.75
CA ALA A 19 -9.75 -2.02 13.46
C ALA A 19 -9.14 -3.19 12.68
N LEU A 20 -9.33 -3.23 11.35
CA LEU A 20 -8.89 -4.35 10.52
C LEU A 20 -7.36 -4.36 10.42
N MET A 21 -6.73 -3.20 10.27
CA MET A 21 -5.26 -3.18 10.26
C MET A 21 -4.69 -3.61 11.62
N GLY A 22 -5.21 -3.10 12.72
CA GLY A 22 -4.71 -3.49 14.06
C GLY A 22 -4.80 -4.99 14.28
N LEU A 23 -5.97 -5.57 13.96
CA LEU A 23 -6.22 -7.02 14.09
CA LEU A 23 -6.19 -7.02 14.10
C LEU A 23 -5.28 -7.81 13.17
N GLY A 24 -5.06 -7.33 11.95
CA GLY A 24 -4.13 -8.03 11.03
C GLY A 24 -2.71 -8.01 11.58
N ALA A 25 -2.29 -6.89 12.13
CA ALA A 25 -0.94 -6.82 12.70
C ALA A 25 -0.84 -7.80 13.87
N LEU A 26 -1.83 -7.81 14.75
CA LEU A 26 -1.80 -8.71 15.93
CA LEU A 26 -1.80 -8.71 15.93
C LEU A 26 -1.83 -10.16 15.45
N TYR A 27 -2.66 -10.45 14.47
CA TYR A 27 -2.74 -11.82 13.93
C TYR A 27 -1.37 -12.29 13.46
N PHE A 28 -0.69 -11.46 12.64
CA PHE A 28 0.60 -11.87 12.08
C PHE A 28 1.63 -12.09 13.22
N LEU A 29 1.62 -11.20 14.20
CA LEU A 29 2.52 -11.37 15.37
C LEU A 29 2.22 -12.64 16.19
N VAL A 30 0.96 -12.96 16.41
CA VAL A 30 0.57 -14.18 17.14
C VAL A 30 0.97 -15.41 16.32
N LYS A 31 0.70 -15.40 15.02
CA LYS A 31 1.15 -16.50 14.15
C LYS A 31 2.68 -16.66 14.18
N GLY A 32 3.42 -15.57 14.23
CA GLY A 32 4.88 -15.58 14.21
C GLY A 32 5.45 -16.16 15.50
N MET A 33 4.66 -16.24 16.59
CA MET A 33 5.18 -16.80 17.88
C MET A 33 5.58 -18.25 17.69
N GLY A 34 4.89 -18.97 16.79
N GLY A 34 4.86 -18.98 16.83
CA GLY A 34 5.15 -20.39 16.49
CA GLY A 34 5.16 -20.38 16.49
C GLY A 34 6.32 -20.60 15.53
C GLY A 34 6.19 -20.51 15.37
N VAL A 35 7.15 -19.56 15.27
CA VAL A 35 8.23 -19.56 14.22
C VAL A 35 9.58 -19.17 14.80
N SER A 36 10.64 -19.96 14.53
CA SER A 36 12.02 -19.66 14.96
C SER A 36 13.03 -19.55 13.80
N ASP A 37 12.73 -20.08 12.61
CA ASP A 37 13.59 -19.92 11.40
C ASP A 37 13.91 -18.44 11.15
N PRO A 38 15.21 -18.05 11.08
CA PRO A 38 15.63 -16.66 10.85
C PRO A 38 15.10 -15.99 9.57
N ASP A 39 15.12 -16.72 8.45
CA ASP A 39 14.57 -16.24 7.17
C ASP A 39 13.09 -15.97 7.36
N ALA A 40 12.34 -16.93 7.92
CA ALA A 40 10.87 -16.78 8.08
C ALA A 40 10.58 -15.61 9.01
N LYS A 41 11.32 -15.46 10.12
CA LYS A 41 11.09 -14.36 11.07
C LYS A 41 11.23 -13.00 10.41
N LYS A 42 12.12 -12.82 9.40
CA LYS A 42 12.24 -11.53 8.72
C LYS A 42 10.94 -11.20 7.98
N PHE A 43 10.33 -12.18 7.32
CA PHE A 43 9.04 -11.94 6.64
C PHE A 43 7.93 -11.63 7.64
N TYR A 44 7.88 -12.34 8.76
CA TYR A 44 6.86 -12.04 9.79
C TYR A 44 7.01 -10.60 10.29
N ALA A 45 8.24 -10.17 10.53
CA ALA A 45 8.47 -8.80 11.07
C ALA A 45 8.01 -7.72 10.08
N ILE A 46 8.46 -7.86 8.83
CA ILE A 46 8.07 -6.86 7.79
C ILE A 46 6.56 -6.89 7.66
N THR A 47 5.98 -8.08 7.51
CA THR A 47 4.57 -8.24 7.14
C THR A 47 3.63 -7.80 8.29
N ALA A 48 4.06 -7.88 9.57
CA ALA A 48 3.29 -7.35 10.70
C ALA A 48 3.46 -5.83 10.83
N LEU A 49 4.67 -5.32 10.49
CA LEU A 49 4.92 -3.87 10.66
C LEU A 49 4.04 -3.07 9.67
N VAL A 50 3.79 -3.63 8.50
CA VAL A 50 3.00 -2.93 7.47
C VAL A 50 1.60 -2.54 7.98
N PRO A 51 0.75 -3.49 8.43
CA PRO A 51 -0.54 -3.11 8.97
C PRO A 51 -0.46 -2.33 10.30
N ALA A 52 0.61 -2.51 11.07
CA ALA A 52 0.80 -1.70 12.28
C ALA A 52 0.94 -0.22 11.92
N ILE A 53 1.76 0.11 10.88
CA ILE A 53 1.87 1.50 10.41
C ILE A 53 0.51 2.00 9.91
N ALA A 54 -0.19 1.21 9.10
CA ALA A 54 -1.49 1.62 8.57
C ALA A 54 -2.51 1.85 9.71
N PHE A 55 -2.51 0.99 10.70
CA PHE A 55 -3.31 1.12 11.94
C PHE A 55 -3.07 2.52 12.52
N THR A 56 -1.80 2.87 12.68
CA THR A 56 -1.42 4.14 13.32
C THR A 56 -1.97 5.30 12.51
N MET A 57 -1.82 5.25 11.18
CA MET A 57 -2.27 6.36 10.30
CA MET A 57 -2.26 6.38 10.32
C MET A 57 -3.80 6.41 10.18
N TYR A 58 -4.47 5.26 10.09
CA TYR A 58 -5.97 5.25 10.12
C TYR A 58 -6.49 5.88 11.42
N LEU A 59 -5.86 5.54 12.54
CA LEU A 59 -6.27 6.09 13.85
C LEU A 59 -6.00 7.60 13.89
N SER A 60 -4.82 8.00 13.44
N SER A 60 -4.87 8.06 13.35
CA SER A 60 -4.48 9.43 13.36
CA SER A 60 -4.51 9.51 13.32
C SER A 60 -5.63 10.17 12.62
C SER A 60 -5.56 10.29 12.51
N MET A 61 -6.03 9.68 11.42
CA MET A 61 -7.03 10.35 10.58
C MET A 61 -8.41 10.36 11.27
N LEU A 62 -8.78 9.26 11.94
CA LEU A 62 -10.04 9.12 12.68
C LEU A 62 -10.05 10.22 13.76
N LEU A 63 -8.91 10.42 14.40
CA LEU A 63 -8.80 11.41 15.52
C LEU A 63 -8.59 12.84 15.02
N GLY A 64 -8.59 13.11 13.72
CA GLY A 64 -8.63 14.47 13.16
C GLY A 64 -7.24 15.02 12.82
N TYR A 65 -6.19 14.20 12.94
CA TYR A 65 -4.84 14.57 12.50
C TYR A 65 -4.69 14.16 11.03
N GLY A 66 -3.69 14.70 10.36
CA GLY A 66 -3.37 14.24 8.99
C GLY A 66 -4.27 14.80 7.91
N LEU A 67 -5.03 15.87 8.18
CA LEU A 67 -6.02 16.45 7.27
C LEU A 67 -5.64 17.90 6.97
N THR A 68 -5.71 18.30 5.71
CA THR A 68 -5.52 19.71 5.30
C THR A 68 -6.57 20.06 4.25
N MET A 69 -6.79 21.35 4.05
CA MET A 69 -7.73 21.89 3.04
C MET A 69 -6.89 22.40 1.88
N VAL A 70 -7.20 22.00 0.66
CA VAL A 70 -6.46 22.50 -0.53
C VAL A 70 -7.47 23.14 -1.48
N PRO A 71 -7.26 24.41 -1.88
CA PRO A 71 -8.14 25.06 -2.87
C PRO A 71 -7.80 24.59 -4.29
N PHE A 72 -8.80 24.16 -5.03
CA PHE A 72 -8.72 23.91 -6.50
C PHE A 72 -10.14 23.74 -7.03
N GLY A 73 -10.32 23.96 -8.34
CA GLY A 73 -11.54 23.60 -9.08
C GLY A 73 -12.79 24.22 -8.47
N GLY A 74 -12.66 25.43 -7.89
CA GLY A 74 -13.77 26.20 -7.31
C GLY A 74 -13.79 26.14 -5.79
N GLU A 75 -13.50 24.98 -5.21
CA GLU A 75 -13.86 24.62 -3.81
C GLU A 75 -12.62 24.56 -2.91
N GLN A 76 -12.87 24.49 -1.60
CA GLN A 76 -11.93 24.05 -0.53
C GLN A 76 -12.10 22.53 -0.40
N ASN A 77 -11.04 21.77 -0.67
CA ASN A 77 -11.07 20.29 -0.80
C ASN A 77 -10.32 19.70 0.39
N PRO A 78 -11.00 18.95 1.29
CA PRO A 78 -10.29 18.20 2.33
C PRO A 78 -9.37 17.15 1.71
N ILE A 79 -8.08 17.16 2.06
CA ILE A 79 -7.05 16.17 1.63
C ILE A 79 -6.39 15.57 2.88
N TYR A 80 -6.51 14.26 3.02
CA TYR A 80 -5.87 13.49 4.10
C TYR A 80 -4.43 13.21 3.68
N TRP A 81 -3.45 13.97 4.14
CA TRP A 81 -2.04 13.75 3.74
C TRP A 81 -1.47 12.54 4.49
N ALA A 82 -2.02 12.16 5.66
CA ALA A 82 -1.53 11.04 6.48
C ALA A 82 -1.63 9.74 5.66
N ARG A 83 -2.56 9.65 4.73
CA ARG A 83 -2.67 8.45 3.84
C ARG A 83 -1.33 8.23 3.10
N TYR A 84 -0.78 9.32 2.59
CA TYR A 84 0.50 9.33 1.84
C TYR A 84 1.67 9.05 2.75
N ALA A 85 1.64 9.53 4.00
CA ALA A 85 2.64 9.14 4.98
C ALA A 85 2.63 7.63 5.24
N ASP A 86 1.45 7.03 5.44
CA ASP A 86 1.34 5.55 5.58
C ASP A 86 2.04 4.90 4.39
N TRP A 87 1.57 5.24 3.19
CA TRP A 87 2.00 4.53 1.97
C TRP A 87 3.51 4.74 1.72
N LEU A 88 4.06 5.87 2.16
CA LEU A 88 5.49 6.15 1.96
C LEU A 88 6.30 5.06 2.66
N PHE A 89 5.88 4.62 3.87
CA PHE A 89 6.60 3.56 4.60
C PHE A 89 6.13 2.15 4.23
N THR A 90 4.85 1.94 4.03
CA THR A 90 4.31 0.58 3.88
C THR A 90 4.55 0.05 2.48
N THR A 91 4.47 0.87 1.44
CA THR A 91 4.72 0.34 0.06
C THR A 91 6.14 -0.20 -0.08
N PRO A 92 7.23 0.50 0.33
CA PRO A 92 8.54 -0.10 0.23
C PRO A 92 8.76 -1.35 1.09
N LEU A 93 8.12 -1.48 2.27
CA LEU A 93 8.20 -2.71 3.05
C LEU A 93 7.53 -3.88 2.29
N LEU A 94 6.41 -3.62 1.62
CA LEU A 94 5.78 -4.70 0.81
C LEU A 94 6.68 -5.07 -0.37
N LEU A 95 7.35 -4.10 -0.98
CA LEU A 95 8.27 -4.44 -2.08
C LEU A 95 9.45 -5.21 -1.50
N LEU A 96 9.88 -4.84 -0.29
CA LEU A 96 11.01 -5.54 0.35
C LEU A 96 10.63 -6.99 0.62
N ASP A 97 9.39 -7.30 1.03
CA ASP A 97 8.94 -8.70 1.18
C ASP A 97 9.22 -9.42 -0.14
N LEU A 98 8.79 -8.83 -1.26
CA LEU A 98 8.97 -9.54 -2.56
C LEU A 98 10.45 -9.67 -2.90
N ALA A 99 11.26 -8.66 -2.65
CA ALA A 99 12.70 -8.66 -2.94
C ALA A 99 13.39 -9.76 -2.12
N LEU A 100 13.02 -9.88 -0.86
CA LEU A 100 13.62 -10.91 0.01
C LEU A 100 13.21 -12.29 -0.50
N LEU A 101 11.96 -12.44 -0.92
CA LEU A 101 11.45 -13.76 -1.39
C LEU A 101 12.24 -14.23 -2.61
N VAL A 102 12.59 -13.33 -3.54
CA VAL A 102 13.32 -13.72 -4.77
C VAL A 102 14.85 -13.54 -4.62
N ASP A 103 15.32 -13.14 -3.47
CA ASP A 103 16.74 -12.81 -3.19
C ASP A 103 17.24 -11.77 -4.21
N ALA A 104 16.49 -10.69 -4.43
CA ALA A 104 16.95 -9.58 -5.29
C ALA A 104 18.25 -8.96 -4.74
N ASP A 105 19.09 -8.45 -5.64
CA ASP A 105 20.35 -7.75 -5.25
C ASP A 105 20.03 -6.36 -4.67
N GLN A 106 21.00 -5.78 -3.97
CA GLN A 106 20.85 -4.50 -3.26
C GLN A 106 20.51 -3.36 -4.23
N GLY A 107 21.11 -3.36 -5.42
CA GLY A 107 20.84 -2.30 -6.40
C GLY A 107 19.41 -2.31 -6.85
N THR A 108 18.88 -3.49 -7.15
CA THR A 108 17.48 -3.64 -7.57
C THR A 108 16.56 -3.11 -6.44
N ILE A 109 16.90 -3.47 -5.21
CA ILE A 109 16.09 -3.05 -4.05
C ILE A 109 16.09 -1.53 -4.01
N LEU A 110 17.25 -0.89 -4.08
CA LEU A 110 17.46 0.59 -4.05
CA LEU A 110 17.10 0.55 -3.78
C LEU A 110 16.56 1.26 -5.07
N ALA A 111 16.65 0.72 -6.30
CA ALA A 111 15.90 1.23 -7.47
C ALA A 111 14.41 1.16 -7.26
N LEU A 112 13.92 0.05 -6.73
CA LEU A 112 12.47 -0.11 -6.42
C LEU A 112 12.08 0.87 -5.31
N VAL A 113 12.87 0.97 -4.24
CA VAL A 113 12.56 1.92 -3.15
C VAL A 113 12.55 3.35 -3.67
N GLY A 114 13.51 3.75 -4.52
CA GLY A 114 13.49 5.10 -5.10
C GLY A 114 12.28 5.34 -5.98
N ALA A 115 11.92 4.38 -6.83
CA ALA A 115 10.75 4.56 -7.71
C ALA A 115 9.48 4.66 -6.86
N ASP A 116 9.44 3.91 -5.80
CA ASP A 116 8.25 3.88 -4.88
C ASP A 116 8.15 5.25 -4.17
N GLY A 117 9.29 5.80 -3.78
CA GLY A 117 9.34 7.18 -3.24
C GLY A 117 8.85 8.19 -4.23
N ILE A 118 9.30 8.10 -5.48
CA ILE A 118 8.75 8.97 -6.54
C ILE A 118 7.23 8.80 -6.63
N MET A 119 6.76 7.58 -6.72
CA MET A 119 5.33 7.31 -6.86
C MET A 119 4.53 8.02 -5.74
N ILE A 120 4.89 7.74 -4.48
CA ILE A 120 4.12 8.27 -3.33
C ILE A 120 4.34 9.78 -3.20
N GLY A 121 5.56 10.26 -3.37
CA GLY A 121 5.87 11.70 -3.20
C GLY A 121 5.21 12.54 -4.26
N THR A 122 5.24 12.13 -5.54
CA THR A 122 4.55 12.90 -6.61
C THR A 122 3.03 12.76 -6.44
N GLY A 123 2.55 11.62 -5.91
CA GLY A 123 1.15 11.49 -5.50
C GLY A 123 0.76 12.62 -4.54
N LEU A 124 1.52 12.76 -3.47
CA LEU A 124 1.24 13.78 -2.45
C LEU A 124 1.35 15.19 -3.06
N VAL A 125 2.40 15.46 -3.82
CA VAL A 125 2.51 16.78 -4.49
C VAL A 125 1.28 17.04 -5.34
N GLY A 126 0.82 16.08 -6.13
CA GLY A 126 -0.41 16.27 -6.90
C GLY A 126 -1.62 16.55 -6.03
N ALA A 127 -1.75 15.84 -4.91
CA ALA A 127 -2.87 15.94 -3.95
C ALA A 127 -2.88 17.36 -3.33
N LEU A 128 -1.72 18.02 -3.29
CA LEU A 128 -1.59 19.37 -2.64
C LEU A 128 -1.54 20.50 -3.68
N THR A 129 -1.70 20.18 -4.96
CA THR A 129 -1.47 21.13 -6.06
C THR A 129 -2.74 21.97 -6.24
N LYS A 130 -2.59 23.30 -6.27
CA LYS A 130 -3.74 24.23 -6.20
C LYS A 130 -4.29 24.53 -7.60
N VAL A 131 -3.61 24.13 -8.66
CA VAL A 131 -4.13 24.30 -10.04
C VAL A 131 -4.66 22.93 -10.52
N TYR A 132 -5.97 22.82 -10.72
CA TYR A 132 -6.70 21.55 -10.97
C TYR A 132 -5.95 20.72 -12.02
N SER A 133 -5.53 21.36 -13.12
CA SER A 133 -4.97 20.62 -14.28
CA SER A 133 -4.93 20.67 -14.31
C SER A 133 -3.59 20.04 -13.95
N TYR A 134 -2.74 20.79 -13.23
CA TYR A 134 -1.36 20.31 -12.90
C TYR A 134 -1.45 19.12 -11.94
N ARG A 135 -2.54 18.99 -11.18
CA ARG A 135 -2.76 17.85 -10.26
C ARG A 135 -2.56 16.57 -11.09
N PHE A 136 -3.05 16.59 -12.35
CA PHE A 136 -3.11 15.35 -13.16
C PHE A 136 -1.76 15.09 -13.81
N VAL A 137 -0.93 16.11 -14.02
CA VAL A 137 0.45 15.94 -14.52
C VAL A 137 1.25 15.17 -13.45
N TRP A 138 1.10 15.56 -12.19
CA TRP A 138 1.73 14.80 -11.07
C TRP A 138 1.16 13.38 -10.97
N TRP A 139 -0.15 13.24 -11.15
CA TRP A 139 -0.80 11.89 -11.16
C TRP A 139 -0.14 11.06 -12.27
N ALA A 140 0.09 11.60 -13.47
CA ALA A 140 0.65 10.82 -14.59
C ALA A 140 2.09 10.38 -14.28
N ILE A 141 2.90 11.25 -13.70
CA ILE A 141 4.26 10.88 -13.27
C ILE A 141 4.25 9.79 -12.19
N SER A 142 3.35 9.91 -11.24
CA SER A 142 3.17 8.92 -10.15
C SER A 142 2.83 7.55 -10.80
N THR A 143 1.86 7.59 -11.71
CA THR A 143 1.39 6.38 -12.40
C THR A 143 2.52 5.78 -13.23
N ALA A 144 3.33 6.58 -13.94
CA ALA A 144 4.48 6.03 -14.68
C ALA A 144 5.46 5.35 -13.71
N ALA A 145 5.72 5.92 -12.54
CA ALA A 145 6.58 5.27 -11.54
C ALA A 145 5.95 3.95 -11.06
N MET A 146 4.64 3.89 -10.86
CA MET A 146 3.97 2.65 -10.49
C MET A 146 4.22 1.61 -11.60
N LEU A 147 3.98 2.01 -12.86
CA LEU A 147 4.12 1.09 -14.00
C LEU A 147 5.56 0.55 -14.09
N TYR A 148 6.58 1.39 -13.82
CA TYR A 148 7.98 0.93 -13.76
C TYR A 148 8.12 -0.16 -12.68
N ILE A 149 7.60 0.09 -11.47
CA ILE A 149 7.67 -0.90 -10.35
C ILE A 149 7.03 -2.22 -10.79
N LEU A 150 5.83 -2.14 -11.38
CA LEU A 150 5.08 -3.34 -11.75
C LEU A 150 5.79 -4.04 -12.90
N TYR A 151 6.45 -3.31 -13.81
CA TYR A 151 7.25 -3.94 -14.88
C TYR A 151 8.40 -4.74 -14.27
N VAL A 152 9.10 -4.15 -13.31
CA VAL A 152 10.24 -4.85 -12.64
C VAL A 152 9.77 -6.07 -11.87
N LEU A 153 8.66 -5.96 -11.16
CA LEU A 153 8.11 -7.09 -10.43
C LEU A 153 7.65 -8.15 -11.42
N PHE A 154 6.85 -7.79 -12.39
CA PHE A 154 6.17 -8.78 -13.23
C PHE A 154 7.16 -9.51 -14.14
N PHE A 155 8.10 -8.80 -14.77
CA PHE A 155 9.07 -9.41 -15.72
C PHE A 155 10.38 -9.77 -15.01
N GLY A 156 11.03 -8.81 -14.36
CA GLY A 156 12.35 -9.04 -13.72
C GLY A 156 12.25 -10.02 -12.57
N PHE A 157 11.35 -9.79 -11.60
CA PHE A 157 11.28 -10.68 -10.43
C PHE A 157 10.77 -12.09 -10.82
N THR A 158 9.87 -12.18 -11.79
CA THR A 158 9.41 -13.49 -12.25
C THR A 158 10.61 -14.28 -12.80
N SER A 159 11.46 -13.66 -13.62
CA SER A 159 12.66 -14.35 -14.18
CA SER A 159 12.66 -14.34 -14.19
C SER A 159 13.57 -14.81 -13.04
N LYS A 160 13.79 -13.95 -12.06
CA LYS A 160 14.62 -14.33 -10.91
C LYS A 160 13.95 -15.50 -10.16
N ALA A 161 12.65 -15.40 -9.86
CA ALA A 161 11.92 -16.42 -9.09
C ALA A 161 12.01 -17.79 -9.81
N GLU A 162 11.92 -17.79 -11.15
CA GLU A 162 11.90 -19.04 -11.95
CA GLU A 162 11.90 -19.03 -11.98
C GLU A 162 13.27 -19.73 -11.92
N SER A 163 14.33 -19.03 -11.53
CA SER A 163 15.70 -19.60 -11.38
C SER A 163 15.88 -20.15 -9.97
N MET A 164 14.87 -20.01 -9.11
CA MET A 164 14.91 -20.50 -7.72
C MET A 164 14.09 -21.77 -7.58
N ARG A 165 13.99 -22.29 -6.36
CA ARG A 165 13.22 -23.52 -6.15
C ARG A 165 11.76 -23.22 -6.47
N PRO A 166 11.05 -24.25 -6.99
CA PRO A 166 9.67 -24.08 -7.42
C PRO A 166 8.72 -23.47 -6.38
N GLU A 167 8.85 -23.78 -5.08
CA GLU A 167 7.98 -23.18 -4.03
C GLU A 167 8.09 -21.64 -4.08
N VAL A 168 9.28 -21.09 -4.35
CA VAL A 168 9.49 -19.62 -4.44
C VAL A 168 8.77 -19.08 -5.68
N ALA A 169 8.91 -19.75 -6.83
CA ALA A 169 8.31 -19.26 -8.08
C ALA A 169 6.80 -19.26 -7.88
N SER A 170 6.25 -20.32 -7.29
CA SER A 170 4.80 -20.51 -7.12
CA SER A 170 4.78 -20.48 -7.16
C SER A 170 4.20 -19.40 -6.25
N THR A 171 4.81 -19.16 -5.11
CA THR A 171 4.32 -18.13 -4.16
C THR A 171 4.55 -16.76 -4.75
N PHE A 172 5.72 -16.51 -5.35
CA PHE A 172 6.00 -15.21 -5.95
C PHE A 172 4.93 -14.91 -7.02
N LYS A 173 4.56 -15.86 -7.89
CA LYS A 173 3.60 -15.46 -8.95
C LYS A 173 2.24 -15.08 -8.39
N VAL A 174 1.78 -15.70 -7.29
CA VAL A 174 0.48 -15.34 -6.70
C VAL A 174 0.57 -13.93 -6.14
N LEU A 175 1.64 -13.66 -5.40
CA LEU A 175 1.82 -12.32 -4.81
C LEU A 175 1.97 -11.25 -5.91
N ARG A 176 2.73 -11.59 -6.95
CA ARG A 176 2.94 -10.73 -8.14
C ARG A 176 1.56 -10.38 -8.72
N ASN A 177 0.75 -11.40 -8.96
CA ASN A 177 -0.61 -11.19 -9.56
C ASN A 177 -1.46 -10.25 -8.68
N VAL A 178 -1.54 -10.52 -7.38
CA VAL A 178 -2.28 -9.69 -6.40
C VAL A 178 -1.77 -8.27 -6.41
N THR A 179 -0.46 -8.07 -6.43
CA THR A 179 0.15 -6.72 -6.42
C THR A 179 -0.25 -5.94 -7.67
N VAL A 180 -0.12 -6.54 -8.84
CA VAL A 180 -0.49 -5.85 -10.10
C VAL A 180 -1.95 -5.44 -10.03
N VAL A 181 -2.85 -6.34 -9.59
CA VAL A 181 -4.29 -5.98 -9.61
C VAL A 181 -4.57 -4.89 -8.60
N LEU A 182 -4.11 -5.09 -7.37
CA LEU A 182 -4.47 -4.13 -6.34
C LEU A 182 -3.73 -2.80 -6.53
N TRP A 183 -2.43 -2.78 -6.78
CA TRP A 183 -1.73 -1.49 -6.92
C TRP A 183 -2.32 -0.66 -8.06
N SER A 184 -2.66 -1.32 -9.17
CA SER A 184 -3.20 -0.65 -10.38
CA SER A 184 -3.18 -0.63 -10.37
C SER A 184 -4.52 0.06 -10.07
N ALA A 185 -5.29 -0.40 -9.08
CA ALA A 185 -6.56 0.24 -8.74
C ALA A 185 -6.34 1.61 -8.09
N TYR A 186 -5.23 1.82 -7.38
CA TYR A 186 -5.07 3.07 -6.60
C TYR A 186 -5.15 4.30 -7.50
N PRO A 187 -4.37 4.42 -8.62
CA PRO A 187 -4.51 5.62 -9.43
C PRO A 187 -5.92 5.88 -9.97
N VAL A 188 -6.67 4.80 -10.19
CA VAL A 188 -8.07 4.94 -10.69
C VAL A 188 -8.96 5.55 -9.57
N VAL A 189 -8.88 5.04 -8.34
CA VAL A 189 -9.59 5.59 -7.18
C VAL A 189 -9.22 7.06 -6.99
N TRP A 190 -7.94 7.41 -7.14
CA TRP A 190 -7.50 8.80 -6.98
C TRP A 190 -8.21 9.66 -8.03
N LEU A 191 -8.23 9.21 -9.29
CA LEU A 191 -8.85 10.01 -10.37
C LEU A 191 -10.32 10.26 -10.05
N ILE A 192 -11.04 9.27 -9.54
CA ILE A 192 -12.52 9.39 -9.45
C ILE A 192 -12.96 10.06 -8.13
N GLY A 193 -12.07 10.08 -7.16
CA GLY A 193 -12.38 10.57 -5.80
C GLY A 193 -12.22 12.06 -5.64
N SER A 194 -12.30 12.50 -4.39
CA SER A 194 -12.37 13.93 -4.05
CA SER A 194 -12.34 13.93 -4.01
C SER A 194 -11.00 14.58 -4.32
N GLU A 195 -9.94 13.78 -4.45
CA GLU A 195 -8.61 14.36 -4.75
C GLU A 195 -8.44 14.57 -6.24
N GLY A 196 -9.25 13.94 -7.07
CA GLY A 196 -9.10 13.97 -8.54
C GLY A 196 -10.22 14.77 -9.18
N ALA A 197 -11.09 14.11 -9.92
CA ALA A 197 -12.23 14.75 -10.61
C ALA A 197 -13.48 14.88 -9.73
N GLY A 198 -13.57 14.20 -8.58
CA GLY A 198 -14.70 14.33 -7.63
C GLY A 198 -15.96 13.72 -8.17
N ILE A 199 -15.82 12.58 -8.84
CA ILE A 199 -16.96 11.80 -9.37
CA ILE A 199 -16.95 11.78 -9.38
C ILE A 199 -17.65 11.12 -8.19
N VAL A 200 -16.87 10.62 -7.23
CA VAL A 200 -17.44 10.02 -6.00
C VAL A 200 -16.98 10.89 -4.83
N PRO A 201 -17.79 10.94 -3.76
CA PRO A 201 -17.48 11.77 -2.61
C PRO A 201 -16.37 11.14 -1.75
N LEU A 202 -15.81 11.93 -0.85
CA LEU A 202 -14.68 11.51 0.04
C LEU A 202 -15.05 10.25 0.80
N ASN A 203 -16.29 10.09 1.27
CA ASN A 203 -16.60 8.90 2.08
C ASN A 203 -16.41 7.65 1.20
N ILE A 204 -16.82 7.70 -0.06
CA ILE A 204 -16.64 6.53 -0.99
C ILE A 204 -15.15 6.33 -1.34
N GLU A 205 -14.43 7.39 -1.62
CA GLU A 205 -12.98 7.32 -1.86
C GLU A 205 -12.31 6.64 -0.67
N THR A 206 -12.67 7.03 0.55
CA THR A 206 -12.07 6.44 1.79
C THR A 206 -12.40 4.94 1.87
N LEU A 207 -13.65 4.54 1.65
CA LEU A 207 -14.05 3.11 1.62
C LEU A 207 -13.25 2.35 0.55
N LEU A 208 -13.05 2.90 -0.65
CA LEU A 208 -12.33 2.16 -1.72
C LEU A 208 -10.86 1.98 -1.32
N PHE A 209 -10.20 3.02 -0.81
CA PHE A 209 -8.80 2.87 -0.39
C PHE A 209 -8.71 1.92 0.80
N MET A 210 -9.69 1.91 1.68
CA MET A 210 -9.69 1.01 2.87
CA MET A 210 -9.64 1.02 2.86
C MET A 210 -9.71 -0.45 2.38
N VAL A 211 -10.61 -0.77 1.45
CA VAL A 211 -10.67 -2.14 0.91
C VAL A 211 -9.37 -2.52 0.21
N LEU A 212 -8.84 -1.63 -0.63
CA LEU A 212 -7.55 -1.88 -1.33
C LEU A 212 -6.44 -2.08 -0.29
N ASP A 213 -6.38 -1.23 0.72
CA ASP A 213 -5.28 -1.29 1.70
C ASP A 213 -5.33 -2.56 2.52
N VAL A 214 -6.51 -2.99 2.97
CA VAL A 214 -6.62 -4.21 3.77
C VAL A 214 -6.28 -5.39 2.87
N SER A 215 -6.71 -5.37 1.62
CA SER A 215 -6.37 -6.41 0.64
C SER A 215 -4.84 -6.49 0.41
N ALA A 216 -4.21 -5.34 0.24
CA ALA A 216 -2.81 -5.20 -0.24
C ALA A 216 -1.85 -5.41 0.93
N LYS A 217 -2.35 -5.36 2.17
CA LYS A 217 -1.51 -5.54 3.37
C LYS A 217 -1.87 -6.84 4.05
N VAL A 218 -3.12 -6.98 4.52
CA VAL A 218 -3.51 -8.22 5.26
C VAL A 218 -3.68 -9.37 4.27
N GLY A 219 -4.34 -9.15 3.14
CA GLY A 219 -4.53 -10.22 2.15
C GLY A 219 -3.21 -10.73 1.63
N PHE A 220 -2.38 -9.83 1.13
CA PHE A 220 -1.04 -10.12 0.66
C PHE A 220 -0.25 -10.83 1.73
N GLY A 221 -0.30 -10.30 2.96
CA GLY A 221 0.45 -10.94 4.06
C GLY A 221 0.01 -12.37 4.35
N LEU A 222 -1.29 -12.64 4.33
CA LEU A 222 -1.80 -14.00 4.61
C LEU A 222 -1.24 -14.97 3.57
N ILE A 223 -1.22 -14.54 2.30
CA ILE A 223 -0.68 -15.39 1.21
C ILE A 223 0.79 -15.70 1.47
N LEU A 224 1.59 -14.66 1.77
CA LEU A 224 3.03 -14.81 1.96
C LEU A 224 3.29 -15.68 3.17
N LEU A 225 2.63 -15.39 4.29
CA LEU A 225 3.08 -16.02 5.57
C LEU A 225 2.53 -17.44 5.74
N ARG A 226 1.54 -17.83 4.94
CA ARG A 226 1.05 -19.25 4.87
C ARG A 226 1.96 -20.09 3.97
N SER A 227 2.92 -19.50 3.24
CA SER A 227 3.72 -20.25 2.24
CA SER A 227 3.73 -20.22 2.23
C SER A 227 4.90 -20.97 2.88
N ARG A 228 5.33 -22.07 2.29
CA ARG A 228 6.57 -22.74 2.68
C ARG A 228 7.78 -21.97 2.15
N ALA A 229 7.57 -21.13 1.14
CA ALA A 229 8.68 -20.40 0.46
C ALA A 229 9.45 -19.49 1.42
N ILE A 230 8.87 -19.05 2.53
CA ILE A 230 9.58 -18.07 3.43
C ILE A 230 10.62 -18.78 4.32
N PHE A 231 10.59 -20.10 4.39
CA PHE A 231 11.50 -20.89 5.26
C PHE A 231 12.84 -21.13 4.55
N GLY A 232 13.94 -20.87 5.26
CA GLY A 232 15.32 -20.93 4.72
C GLY A 232 15.87 -22.35 4.70
C1 RET B . -1.34 7.35 -5.76
C2 RET B . -1.49 8.71 -6.43
C3 RET B . -1.97 8.71 -7.75
C4 RET B . -1.17 7.81 -8.68
C5 RET B . -0.67 6.55 -8.04
C6 RET B . -0.86 6.26 -6.73
C7 RET B . -0.45 4.99 -6.19
C8 RET B . -0.66 4.47 -4.94
C9 RET B . -0.37 3.16 -4.57
C10 RET B . -0.59 2.77 -3.25
C11 RET B . -0.48 1.54 -2.70
C12 RET B . -0.80 1.24 -1.38
C13 RET B . -0.62 0.08 -0.65
C14 RET B . -1.12 0.31 0.67
C15 RET B . -0.79 -0.37 1.77
C16 RET B . -0.29 7.62 -4.68
C17 RET B . -2.71 6.97 -5.14
C18 RET B . -0.02 5.63 -9.05
C19 RET B . -0.02 2.11 -5.59
C20 RET B . -0.15 -1.14 -1.32
C1 LFA C . -2.97 4.58 -17.97
C2 LFA C . -2.15 3.42 -17.47
C3 LFA C . -2.54 2.10 -18.12
C4 LFA C . -1.52 0.98 -18.01
C5 LFA C . -2.14 -0.38 -17.75
C6 LFA C . -1.21 -1.40 -17.13
C7 LFA C . -1.48 -1.69 -15.68
C8 LFA C . -1.29 -3.14 -15.28
C9 LFA C . -2.46 -4.03 -15.61
C10 LFA C . -3.72 -3.79 -14.80
C11 LFA C . -4.41 -5.05 -14.33
C12 LFA C . -5.76 -4.85 -13.67
C13 LFA C . -6.03 -3.42 -13.22
C14 LFA C . -7.11 -3.27 -12.15
C15 LFA C . -7.52 -1.82 -11.85
C16 LFA C . -9.04 -1.64 -11.77
C17 LFA C . -9.53 -0.45 -10.96
C18 LFA C . -10.87 0.11 -11.44
C1 LFA D . 4.22 20.98 1.11
C2 LFA D . 4.58 19.97 0.04
C3 LFA D . 5.44 18.83 0.54
C4 LFA D . 5.35 17.54 -0.25
C5 LFA D . 6.35 16.48 0.18
C6 LFA D . 6.72 15.46 -0.89
C7 LFA D . 7.89 14.57 -0.54
C8 LFA D . 7.51 13.19 -0.02
C9 LFA D . 8.69 12.29 0.28
C10 LFA D . 9.03 11.23 -0.77
C11 LFA D . 10.31 10.43 -0.49
C12 LFA D . 11.20 10.96 0.67
C13 LFA D . 11.92 9.92 1.50
C1 LFA E . -23.86 1.25 2.54
C2 LFA E . -22.53 0.60 2.85
C3 LFA E . -22.68 -0.79 3.37
C4 LFA E . -21.50 -1.31 4.12
C5 LFA E . -21.30 -2.77 4.00
C6 LFA E . -20.49 -3.38 5.11
C7 LFA E . -19.11 -3.70 4.70
C8 LFA E . -18.17 -3.90 5.82
C9 LFA E . -16.91 -4.61 5.40
C10 LFA E . -16.30 -4.17 4.10
C11 LFA E . -15.07 -4.96 3.74
C12 LFA E . -13.83 -4.43 4.38
C13 LFA E . -12.64 -5.34 4.29
C14 LFA E . -12.44 -5.94 2.95
C15 LFA E . -11.08 -6.51 2.73
C16 LFA E . -11.06 -7.54 1.65
C17 LFA E . -9.85 -8.43 1.64
C18 LFA E . -9.42 -8.88 3.00
C19 LFA E . -8.23 -9.81 2.94
C20 LFA E . -8.17 -10.84 4.10
C1 LFA F . -4.57 7.32 -19.47
C2 LFA F . -3.06 7.56 -19.44
C3 LFA F . -2.56 8.65 -20.42
C4 LFA F . -1.51 9.65 -19.95
C5 LFA F . -1.95 11.10 -20.01
C6 LFA F . -2.01 11.77 -18.65
C7 LFA F . -2.71 13.11 -18.63
C8 LFA F . -1.86 14.26 -18.16
C9 LFA F . -2.64 15.40 -17.54
C10 LFA F . -2.87 16.57 -18.45
C11 LFA F . -3.44 17.80 -17.76
C12 LFA F . -2.96 19.11 -18.37
C13 LFA F . -1.56 19.52 -17.97
C14 LFA F . -0.97 20.69 -18.75
C15 LFA F . 0.53 20.62 -18.95
C16 LFA F . 1.02 19.31 -19.55
C17 LFA F . 2.50 19.20 -19.73
C18 LFA F . 2.95 17.78 -19.90
C14 LFA G . -19.12 2.50 -5.79
C15 LFA G . -20.21 3.29 -5.13
C16 LFA G . -20.41 4.67 -5.68
C17 LFA G . -21.64 5.39 -5.17
C18 LFA G . -21.51 6.90 -5.13
C19 LFA G . -22.82 7.64 -5.22
C20 LFA G . -23.85 7.29 -4.17
C1 LFA H . 11.23 5.99 -16.68
C2 LFA H . 10.22 5.05 -16.08
C3 LFA H . 9.04 5.77 -15.54
C4 LFA H . 9.34 6.54 -14.28
C5 LFA H . 8.98 7.99 -14.39
C6 LFA H . 8.48 8.58 -13.16
C1 LFA I . 5.91 11.96 5.85
C2 LFA I . 5.90 13.24 5.01
C3 LFA I . 5.02 14.37 5.55
C4 LFA I . 4.39 15.33 4.54
C5 LFA I . 3.24 16.13 5.11
C6 LFA I . 2.47 16.98 4.11
C7 LFA I . 1.62 18.03 4.78
C8 LFA I . 0.72 18.81 3.86
C9 LFA I . 0.58 20.28 4.18
C10 LFA I . 1.42 20.75 5.35
C2 LFA J . 0.00 -5.04 17.16
C3 LFA J . 1.12 -4.12 16.71
C4 LFA J . 2.42 -4.77 16.39
C5 LFA J . 3.37 -4.05 15.42
C6 LFA J . 3.99 -4.95 14.34
C7 LFA J . 5.52 -4.83 14.17
C8 LFA J . 6.22 -6.07 13.59
C9 LFA J . 7.73 -6.16 13.75
C10 LFA J . 8.45 -4.85 13.51
C11 LFA J . 9.78 -4.97 12.92
C12 LFA J . 10.90 -5.25 13.89
C12 LFA K . -13.70 9.83 18.67
C13 LFA K . -13.54 8.47 19.30
C14 LFA K . -12.41 7.63 18.76
C15 LFA K . -11.91 6.58 19.73
C16 LFA K . -10.71 5.76 19.26
C17 LFA K . -10.20 4.78 20.31
C18 LFA K . -8.73 4.43 20.24
C19 LFA K . -8.41 2.96 20.01
C20 LFA K . -6.95 2.59 20.16
C8 LFA L . -15.32 5.05 22.64
C9 LFA L . -14.41 3.88 23.00
C10 LFA L . -14.18 2.87 21.88
C11 LFA L . -13.03 1.92 22.14
C12 LFA L . -12.75 0.91 21.04
C13 LFA L . -11.34 0.37 21.09
C14 LFA L . -11.22 -1.12 21.08
C15 LFA L . -10.16 -1.69 22.00
C16 LFA L . -9.27 -2.73 21.37
C17 LFA L . -8.14 -3.22 22.24
C18 LFA L . -7.74 -4.66 21.98
C10 OLC M . -12.24 -4.32 18.33
C9 OLC M . -11.11 -4.99 18.08
C11 OLC M . -12.60 -3.07 17.57
C8 OLC M . -10.10 -4.52 17.04
C12 OLC M . -13.90 -2.49 18.08
C7 OLC M . -8.67 -4.56 17.66
C15 OLC M . -16.62 0.06 17.09
C13 OLC M . -14.50 -1.43 17.19
C6 OLC M . -7.64 -3.56 17.13
C14 OLC M . -15.95 -1.24 17.56
C5 OLC M . -6.27 -4.00 17.65
C4 OLC M . -5.36 -2.85 18.08
C3 OLC M . -3.87 -3.12 17.81
C2 OLC M . -3.33 -2.16 16.75
C21 OLC M . -0.26 -1.19 17.38
C1 OLC M . -1.86 -2.35 16.49
C22 OLC M . 0.52 -1.13 16.06
O19 OLC M . -1.21 -2.40 15.44
O23 OLC M . 1.63 -0.19 16.16
O20 OLC M . -1.04 -2.33 17.63
C1 OLA N . 6.22 -10.44 -22.57
O1 OLA N . 7.30 -11.03 -22.80
O2 OLA N . 5.22 -11.00 -22.05
C2 OLA N . 6.14 -8.98 -22.95
C3 OLA N . 4.82 -8.31 -22.71
C4 OLA N . 4.87 -6.80 -22.99
C5 OLA N . 5.41 -5.90 -21.86
C6 OLA N . 4.97 -4.43 -21.94
C7 OLA N . 5.37 -3.57 -20.74
C8 OLA N . 4.47 -2.38 -20.48
C9 OLA N . 4.91 -1.53 -19.32
C10 OLA N . 4.38 -1.46 -18.11
C11 OLA N . 3.02 -1.90 -17.66
C12 OLA N . 3.01 -2.80 -16.50
C13 OLA N . 3.66 -4.14 -16.74
C14 OLA N . 3.47 -5.15 -15.68
C15 OLA N . 2.12 -5.75 -15.59
C16 OLA N . 1.85 -6.80 -16.60
C17 OLA N . 0.61 -7.53 -16.31
C18 OLA N . 0.17 -8.61 -17.26
C1 OLA O . -9.34 -19.87 8.40
O1 OLA O . -10.38 -20.43 7.96
O2 OLA O . -8.28 -19.78 7.75
C2 OLA O . -9.39 -19.25 9.79
C3 OLA O . -8.05 -18.84 10.35
C4 OLA O . -7.53 -17.49 9.86
C5 OLA O . -8.40 -16.76 8.86
C6 OLA O . -7.82 -15.46 8.39
C7 OLA O . -7.41 -14.54 9.52
C8 OLA O . -7.12 -13.18 9.08
C9 OLA O . -6.60 -12.32 10.18
C10 OLA O . -6.89 -11.09 10.39
C11 OLA O . -7.89 -10.29 9.62
C12 OLA O . -7.96 -8.84 10.05
C13 OLA O . -8.34 -7.83 8.94
C14 OLA O . -8.91 -8.35 7.68
C15 OLA O . -10.15 -9.21 7.86
C16 OLA O . -10.91 -9.47 6.62
C17 OLA O . -12.09 -10.38 6.83
C1 OLA P . -21.26 7.07 17.93
O1 OLA P . -22.35 6.81 18.52
O2 OLA P . -21.18 7.80 16.91
C2 OLA P . -19.98 6.46 18.47
C3 OLA P . -18.72 7.21 18.21
C4 OLA P . -17.53 6.62 18.95
C5 OLA P . -17.15 5.22 18.51
C6 OLA P . -15.77 4.77 18.99
C7 OLA P . -15.05 3.84 18.01
C8 OLA P . -13.59 4.12 17.78
C9 OLA P . -13.00 3.32 16.65
C10 OLA P . -11.75 2.95 16.50
C11 OLA P . -11.26 1.57 16.19
C12 OLA P . -9.84 1.35 16.61
C13 OLA P . -9.43 -0.08 16.79
C1 HEX Q . -6.29 -14.30 -3.53
C2 HEX Q . -5.51 -15.45 -4.15
C3 HEX Q . -4.96 -16.46 -3.19
C4 HEX Q . -4.62 -17.80 -3.83
C5 HEX Q . -3.72 -18.68 -3.02
C6 HEX Q . -3.25 -19.92 -3.76
C1 HEX R . -4.86 -18.31 1.02
C2 HEX R . -4.67 -16.91 1.58
C3 HEX R . -5.96 -16.16 1.50
C4 HEX R . -5.82 -14.66 1.59
C5 HEX R . -6.92 -13.86 0.96
C6 HEX R . -6.43 -12.89 -0.07
C3 HEX S . -1.93 16.90 11.86
C4 HEX S . -0.64 17.33 12.51
C5 HEX S . 0.50 16.36 12.29
C6 HEX S . 1.87 16.90 12.63
C1 HEX T . 10.18 -0.45 -18.55
C2 HEX T . 8.85 0.21 -18.81
C3 HEX T . 8.20 0.76 -17.56
C4 HEX T . 7.02 1.67 -17.78
C5 HEX T . 7.18 3.10 -17.31
C6 HEX T . 6.41 4.13 -18.11
S SO4 U . 3.87 -16.59 -16.01
O1 SO4 U . 2.62 -16.00 -15.58
O2 SO4 U . 3.88 -17.96 -15.70
O3 SO4 U . 4.05 -16.38 -17.44
O4 SO4 U . 4.98 -15.85 -15.41
S SO4 V . -8.14 25.98 -10.85
O1 SO4 V . -7.84 24.97 -9.85
O2 SO4 V . -9.57 26.15 -10.91
O3 SO4 V . -7.50 27.23 -10.49
O4 SO4 V . -7.65 25.58 -12.14
AR AR W . 4.34 -5.46 -3.16
AR AR X . -14.88 -0.51 13.56
AR AR Y . 12.36 -3.43 -2.45
AR AR Z . 10.89 5.78 -11.35
AR AR AA . 4.70 10.99 1.20
AR AR BA . -4.86 -10.41 -1.57
AR AR CA . -6.24 -9.16 -5.84
AR AR DA . 19.15 3.11 -6.53
AR AR EA . 1.16 -9.78 19.78
AR AR FA . -0.95 12.35 11.28
AR AR GA . -1.55 11.23 15.97
AR AR HA . 4.72 -4.78 14.08
AR AR IA . -4.17 4.15 -13.99
AR AR JA . -5.92 0.35 -14.54
AR AR KA . 9.72 4.92 -0.48
AR AR LA . 16.43 5.17 -2.66
AR AR MA . -0.05 -15.86 8.96
AR AR NA . 2.52 -3.40 16.83
AR AR OA . -11.90 -1.66 -3.88
AR AR PA . -9.92 -5.20 -3.57
AR AR QA . -4.69 9.12 -1.89
AR AR RA . 3.69 6.76 8.77
AR AR SA . 0.62 9.70 13.26
AR AR TA . 5.84 -5.73 17.13
AR AR UA . -8.82 -4.13 -7.26
AR AR VA . -9.55 -7.74 -6.42
AR AR WA . -9.87 9.33 0.68
AR AR XA . -1.31 12.83 -7.89
AR AR YA . -5.11 12.45 -16.18
AR AR ZA . -12.29 10.79 -13.63
AR AR AB . 3.78 -7.14 -9.71
AR AR BB . 14.80 -2.23 -10.20
AR AR CB . 3.58 5.02 11.97
AR AR DB . 3.84 1.07 13.55
AR AR EB . 3.30 11.02 10.09
AR AR FB . 10.66 -4.90 10.09
AR AR GB . 15.41 -9.67 -9.01
AR AR HB . 12.33 -0.14 -9.89
AR AR IB . -16.44 0.91 12.09
AR AR JB . -16.23 2.76 15.83
AR AR KB . 1.31 0.96 16.78
AR AR LB . -4.88 -11.40 -8.98
AR AR MB . -2.62 1.31 -13.84
AR AR NB . -7.58 -9.54 4.18
AR AR OB . 3.65 12.88 4.32
AR AR PB . 7.59 4.01 10.65
AR AR QB . -15.87 -1.25 -1.81
#